data_7ZIW
#
_entry.id   7ZIW
#
_cell.length_a   44.171
_cell.length_b   49.795
_cell.length_c   78.718
_cell.angle_alpha   71.510
_cell.angle_beta   89.953
_cell.angle_gamma   67.994
#
_symmetry.space_group_name_H-M   'P 1'
#
loop_
_entity.id
_entity.type
_entity.pdbx_description
1 polymer 'Haloalkane dehalogenase'
2 non-polymer [9-[2-carboxy-5-[2-[2-[4-(trifluoromethylsulfonylamino)butoxy]ethoxy]ethylcarbamoyl]phenyl]-6-(dimethylamino)xanthen-3-ylidene]-dimethyl-azanium
3 water water
#
_entity_poly.entity_id   1
_entity_poly.type   'polypeptide(L)'
_entity_poly.pdbx_seq_one_letter_code
;GIGTGFPFDPHYVEVLGERMHYVDVGPRDGTPVLFLHGNPTSSYVWRNIIPHVAPTHRCIAPDLIGMGKSDKPDLGYFFD
DHVRFMDAFIEALGLEEVVLVIHDWGSALGFHWAKRNPERVKGIAFMEFIRPIPTWDEWPEFARETFQAFRTTDVGRKLI
IDQNVFIEGTLPMGVVRPLTEVEMDHYREPFLNPVDREPLWRFPNELPIAGEPANIVALVEEYMDWLHQSPVPKLLFWGT
PGVLIPPAEAARLAKSLPNCKAVDIGPGLNLLQEDNPDLIGSEIARWLSTLEI
;
_entity_poly.pdbx_strand_id   A,B
#
loop_
_chem_comp.id
_chem_comp.type
_chem_comp.name
_chem_comp.formula
IYE non-polymer [9-[2-carboxy-5-[2-[2-[4-(trifluoromethylsulfonylamino)butoxy]ethoxy]ethylcarbamoyl]phenyl]-6-(dimethylamino)xanthen-3-ylidene]-dimethyl-azanium 'C34 H40 F3 N4 O8 S 1'
#
# COMPACT_ATOMS: atom_id res chain seq x y z
N GLY A 1 17.95 -7.70 8.60
CA GLY A 1 17.00 -6.96 7.79
C GLY A 1 17.60 -5.71 7.17
N ILE A 2 16.76 -4.92 6.51
CA ILE A 2 17.22 -3.71 5.84
C ILE A 2 17.60 -2.68 6.89
N GLY A 3 18.77 -2.07 6.74
CA GLY A 3 19.25 -1.15 7.75
C GLY A 3 18.33 0.04 7.90
N THR A 4 18.17 0.49 9.16
CA THR A 4 17.36 1.66 9.48
C THR A 4 18.16 2.85 9.97
N GLY A 5 19.47 2.67 10.21
CA GLY A 5 20.27 3.75 10.75
C GLY A 5 20.96 4.60 9.70
N PHE A 6 21.43 5.77 10.14
CA PHE A 6 22.10 6.75 9.28
C PHE A 6 23.40 7.13 9.99
N PRO A 7 24.43 6.29 9.88
CA PRO A 7 25.62 6.48 10.72
C PRO A 7 26.66 7.39 10.10
N PHE A 8 26.25 8.28 9.21
CA PHE A 8 27.19 9.07 8.43
C PHE A 8 27.52 10.37 9.15
N ASP A 9 28.82 10.68 9.22
CA ASP A 9 29.24 11.94 9.80
C ASP A 9 28.73 13.10 8.93
N PRO A 10 28.28 14.19 9.54
CA PRO A 10 27.71 15.29 8.74
C PRO A 10 28.80 16.17 8.15
N HIS A 11 28.67 16.47 6.86
CA HIS A 11 29.48 17.46 6.18
C HIS A 11 28.58 18.54 5.61
N TYR A 12 29.10 19.76 5.57
CA TYR A 12 28.34 20.91 5.11
C TYR A 12 29.21 21.74 4.18
N VAL A 13 28.55 22.53 3.32
CA VAL A 13 29.26 23.43 2.42
C VAL A 13 28.34 24.60 2.11
N GLU A 14 28.91 25.82 2.19
CA GLU A 14 28.16 27.03 1.86
C GLU A 14 27.87 27.03 0.36
N VAL A 15 26.59 27.15 0.00
CA VAL A 15 26.18 27.12 -1.40
C VAL A 15 25.16 28.24 -1.60
N LEU A 16 25.53 29.27 -2.35
CA LEU A 16 24.65 30.39 -2.66
C LEU A 16 24.11 31.04 -1.38
N GLY A 17 25.00 31.24 -0.40
CA GLY A 17 24.58 31.78 0.88
C GLY A 17 23.82 30.82 1.76
N GLU A 18 23.63 29.58 1.34
CA GLU A 18 22.90 28.57 2.10
C GLU A 18 23.83 27.40 2.40
N ARG A 19 23.64 26.79 3.57
CA ARG A 19 24.41 25.63 3.98
C ARG A 19 23.73 24.36 3.48
N MET A 20 24.50 23.47 2.87
CA MET A 20 23.98 22.22 2.34
C MET A 20 24.73 21.06 3.01
N HIS A 21 23.98 20.07 3.48
CA HIS A 21 24.57 18.89 4.12
C HIS A 21 24.78 17.79 3.09
N TYR A 22 25.82 16.98 3.30
CA TYR A 22 26.08 15.86 2.41
C TYR A 22 26.86 14.78 3.11
N VAL A 23 26.67 13.55 2.65
CA VAL A 23 27.49 12.43 3.07
C VAL A 23 28.76 12.40 2.21
N ASP A 24 29.89 12.08 2.84
CA ASP A 24 31.17 11.98 2.14
C ASP A 24 31.97 10.87 2.79
N VAL A 25 31.98 9.70 2.16
CA VAL A 25 32.72 8.55 2.64
C VAL A 25 33.48 7.93 1.47
N GLY A 26 34.34 6.97 1.79
CA GLY A 26 35.10 6.27 0.79
C GLY A 26 36.50 6.83 0.65
N PRO A 27 37.34 6.15 -0.16
CA PRO A 27 38.71 6.63 -0.36
C PRO A 27 38.72 8.02 -1.00
N ARG A 28 39.67 8.85 -0.55
CA ARG A 28 39.76 10.21 -1.04
C ARG A 28 40.13 10.25 -2.52
N ASP A 29 40.88 9.27 -2.98
CA ASP A 29 41.34 9.25 -4.36
C ASP A 29 40.32 8.60 -5.30
N GLY A 30 40.60 8.67 -6.59
CA GLY A 30 39.74 8.07 -7.59
C GLY A 30 38.55 8.95 -7.95
N THR A 31 37.78 8.44 -8.90
CA THR A 31 36.61 9.18 -9.39
C THR A 31 35.48 9.10 -8.38
N PRO A 32 34.92 10.23 -7.96
CA PRO A 32 33.82 10.19 -6.98
C PRO A 32 32.52 9.71 -7.60
N VAL A 33 31.66 9.15 -6.74
CA VAL A 33 30.34 8.66 -7.10
C VAL A 33 29.31 9.54 -6.41
N LEU A 34 28.52 10.26 -7.19
CA LEU A 34 27.59 11.27 -6.67
C LEU A 34 26.18 10.69 -6.65
N PHE A 35 25.58 10.62 -5.46
CA PHE A 35 24.26 10.05 -5.25
C PHE A 35 23.23 11.17 -5.14
N LEU A 36 22.21 11.15 -6.00
CA LEU A 36 21.20 12.21 -6.02
C LEU A 36 19.81 11.64 -5.74
N HIS A 37 19.21 12.06 -4.64
CA HIS A 37 17.89 11.65 -4.21
C HIS A 37 16.81 12.58 -4.77
N GLY A 38 15.56 12.22 -4.54
CA GLY A 38 14.42 13.00 -5.02
C GLY A 38 13.33 13.16 -3.99
N ASN A 39 12.07 13.18 -4.44
CA ASN A 39 10.91 13.47 -3.60
C ASN A 39 10.38 12.18 -2.98
N PRO A 40 10.13 12.15 -1.66
CA PRO A 40 10.38 13.20 -0.67
C PRO A 40 11.47 12.79 0.30
N THR A 41 12.65 12.47 -0.21
CA THR A 41 13.66 11.79 0.56
C THR A 41 14.85 12.71 0.84
N SER A 42 16.01 12.10 1.09
CA SER A 42 17.27 12.76 1.39
C SER A 42 18.38 11.75 1.09
N SER A 43 19.59 12.06 1.55
CA SER A 43 20.65 11.05 1.49
C SER A 43 20.29 9.80 2.28
N TYR A 44 19.24 9.85 3.10
CA TYR A 44 18.80 8.68 3.86
C TYR A 44 18.38 7.54 2.95
N VAL A 45 17.82 7.85 1.78
CA VAL A 45 17.40 6.81 0.85
C VAL A 45 18.58 6.04 0.27
N TRP A 46 19.80 6.54 0.44
CA TRP A 46 21.00 5.86 -0.04
C TRP A 46 21.76 5.14 1.07
N ARG A 47 21.22 5.10 2.29
CA ARG A 47 21.98 4.65 3.44
C ARG A 47 22.45 3.21 3.30
N ASN A 48 21.69 2.36 2.59
CA ASN A 48 21.99 0.94 2.49
C ASN A 48 22.60 0.56 1.14
N ILE A 49 22.84 1.52 0.28
CA ILE A 49 23.46 1.29 -1.02
C ILE A 49 24.88 1.84 -1.04
N ILE A 50 25.09 2.99 -0.41
CA ILE A 50 26.44 3.53 -0.25
C ILE A 50 27.41 2.52 0.34
N PRO A 51 27.08 1.75 1.39
CA PRO A 51 28.07 0.84 1.97
C PRO A 51 28.61 -0.21 1.02
N HIS A 52 27.94 -0.46 -0.12
CA HIS A 52 28.47 -1.38 -1.12
C HIS A 52 29.52 -0.72 -2.00
N VAL A 53 29.52 0.60 -2.09
CA VAL A 53 30.44 1.31 -2.96
C VAL A 53 31.54 2.03 -2.18
N ALA A 54 31.27 2.43 -0.94
CA ALA A 54 32.28 3.12 -0.13
C ALA A 54 33.60 2.39 0.04
N PRO A 55 33.67 1.04 0.07
CA PRO A 55 34.99 0.41 0.23
C PRO A 55 36.02 0.81 -0.82
N THR A 56 35.59 1.13 -2.04
CA THR A 56 36.55 1.37 -3.12
C THR A 56 36.37 2.69 -3.86
N HIS A 57 35.25 3.40 -3.67
CA HIS A 57 35.04 4.65 -4.38
C HIS A 57 34.49 5.70 -3.44
N ARG A 58 34.91 6.95 -3.65
CA ARG A 58 34.35 8.06 -2.88
C ARG A 58 32.86 8.19 -3.17
N CYS A 59 32.08 8.40 -2.11
CA CYS A 59 30.62 8.50 -2.20
C CYS A 59 30.19 9.85 -1.65
N ILE A 60 29.57 10.67 -2.50
CA ILE A 60 29.01 11.96 -2.11
C ILE A 60 27.51 11.91 -2.31
N ALA A 61 26.76 12.11 -1.22
CA ALA A 61 25.31 12.12 -1.27
C ALA A 61 24.80 13.39 -0.59
N PRO A 62 24.47 14.42 -1.37
CA PRO A 62 23.94 15.65 -0.77
C PRO A 62 22.44 15.55 -0.49
N ASP A 63 22.01 16.38 0.44
CA ASP A 63 20.58 16.65 0.64
C ASP A 63 20.22 17.87 -0.21
N LEU A 64 19.24 17.70 -1.10
CA LEU A 64 18.76 18.81 -1.92
C LEU A 64 18.41 20.00 -1.03
N ILE A 65 18.59 21.20 -1.57
CA ILE A 65 18.23 22.39 -0.79
C ILE A 65 16.79 22.28 -0.34
N GLY A 66 16.54 22.60 0.94
CA GLY A 66 15.22 22.51 1.52
C GLY A 66 14.82 21.13 2.01
N MET A 67 15.69 20.13 1.93
CA MET A 67 15.38 18.78 2.38
C MET A 67 16.56 18.19 3.15
N GLY A 68 16.31 17.04 3.78
CA GLY A 68 17.34 16.40 4.58
C GLY A 68 17.81 17.32 5.69
N LYS A 69 19.12 17.46 5.83
CA LYS A 69 19.73 18.35 6.81
C LYS A 69 20.22 19.66 6.20
N SER A 70 19.92 19.90 4.92
CA SER A 70 20.31 21.15 4.29
C SER A 70 19.40 22.29 4.77
N ASP A 71 19.86 23.52 4.56
CA ASP A 71 19.09 24.68 4.98
C ASP A 71 17.79 24.78 4.17
N LYS A 72 16.82 25.53 4.71
CA LYS A 72 15.46 25.52 4.20
C LYS A 72 14.95 26.95 3.97
N PRO A 73 15.57 27.69 3.05
CA PRO A 73 15.16 29.08 2.83
C PRO A 73 13.79 29.18 2.19
N ASP A 74 13.23 30.38 2.25
CA ASP A 74 11.89 30.68 1.74
C ASP A 74 11.96 30.80 0.22
N LEU A 75 11.77 29.67 -0.47
CA LEU A 75 11.83 29.61 -1.91
C LEU A 75 10.63 28.86 -2.44
N GLY A 76 10.34 29.05 -3.73
CA GLY A 76 9.32 28.24 -4.36
C GLY A 76 9.75 26.79 -4.53
N TYR A 77 11.06 26.53 -4.58
CA TYR A 77 11.61 25.20 -4.75
C TYR A 77 11.19 24.60 -6.10
N PHE A 78 11.18 25.45 -7.11
CA PHE A 78 11.06 24.99 -8.49
C PHE A 78 12.27 24.14 -8.87
N PHE A 79 12.12 23.36 -9.93
CA PHE A 79 13.25 22.60 -10.45
C PHE A 79 14.44 23.51 -10.71
N ASP A 80 14.18 24.73 -11.19
CA ASP A 80 15.27 25.65 -11.52
C ASP A 80 16.02 26.09 -10.28
N ASP A 81 15.36 26.15 -9.13
CA ASP A 81 16.07 26.39 -7.87
C ASP A 81 17.03 25.25 -7.59
N HIS A 82 16.56 24.00 -7.71
CA HIS A 82 17.40 22.86 -7.44
C HIS A 82 18.54 22.75 -8.45
N VAL A 83 18.33 23.25 -9.67
CA VAL A 83 19.41 23.27 -10.67
C VAL A 83 20.50 24.26 -10.27
N ARG A 84 20.10 25.46 -9.85
CA ARG A 84 21.08 26.46 -9.42
C ARG A 84 21.86 25.97 -8.20
N PHE A 85 21.16 25.39 -7.23
CA PHE A 85 21.80 24.94 -6.00
C PHE A 85 22.68 23.72 -6.24
N MET A 86 22.27 22.82 -7.13
CA MET A 86 23.08 21.63 -7.37
C MET A 86 24.28 21.92 -8.25
N ASP A 87 24.15 22.86 -9.20
CA ASP A 87 25.30 23.30 -9.98
C ASP A 87 26.38 23.88 -9.08
N ALA A 88 25.98 24.76 -8.15
CA ALA A 88 26.93 25.40 -7.25
C ALA A 88 27.53 24.39 -6.26
N PHE A 89 26.71 23.47 -5.75
CA PHE A 89 27.22 22.44 -4.85
C PHE A 89 28.36 21.66 -5.49
N ILE A 90 28.18 21.27 -6.76
CA ILE A 90 29.18 20.47 -7.45
C ILE A 90 30.48 21.25 -7.59
N GLU A 91 30.38 22.55 -7.88
CA GLU A 91 31.57 23.37 -8.06
C GLU A 91 32.19 23.75 -6.72
N ALA A 92 31.39 23.87 -5.66
CA ALA A 92 31.91 24.12 -4.33
C ALA A 92 32.70 22.94 -3.78
N LEU A 93 32.47 21.73 -4.31
CA LEU A 93 33.22 20.56 -3.89
C LEU A 93 34.42 20.29 -4.79
N GLY A 94 34.64 21.11 -5.81
CA GLY A 94 35.74 20.90 -6.72
C GLY A 94 35.71 19.60 -7.48
N LEU A 95 34.54 19.02 -7.68
CA LEU A 95 34.45 17.76 -8.42
C LEU A 95 34.73 17.99 -9.90
N GLU A 96 35.66 17.20 -10.43
CA GLU A 96 35.96 17.25 -11.86
C GLU A 96 35.11 16.21 -12.59
N GLU A 97 35.66 15.00 -12.77
CA GLU A 97 34.93 13.90 -13.39
C GLU A 97 34.18 13.12 -12.31
N VAL A 98 32.96 12.69 -12.64
CA VAL A 98 32.09 12.00 -11.68
C VAL A 98 31.32 10.88 -12.36
N VAL A 99 30.86 9.94 -11.55
CA VAL A 99 29.85 8.95 -11.91
C VAL A 99 28.58 9.33 -11.16
N LEU A 100 27.44 9.26 -11.84
CA LEU A 100 26.16 9.65 -11.25
C LEU A 100 25.35 8.42 -10.84
N VAL A 101 24.71 8.49 -9.68
CA VAL A 101 23.74 7.49 -9.23
C VAL A 101 22.51 8.27 -8.79
N ILE A 102 21.44 8.19 -9.58
CA ILE A 102 20.36 9.16 -9.46
C ILE A 102 19.01 8.45 -9.41
N HIS A 103 18.03 9.17 -8.88
CA HIS A 103 16.71 8.63 -8.63
C HIS A 103 15.71 9.79 -8.51
N ASP A 104 14.54 9.60 -9.10
CA ASP A 104 13.40 10.53 -8.95
C ASP A 104 13.89 11.92 -9.37
N TRP A 105 13.57 12.98 -8.62
CA TRP A 105 13.96 14.32 -9.05
C TRP A 105 15.47 14.51 -9.03
N GLY A 106 16.20 13.65 -8.32
CA GLY A 106 17.65 13.67 -8.47
C GLY A 106 18.11 13.21 -9.84
N SER A 107 17.32 12.35 -10.50
CA SER A 107 17.65 11.95 -11.85
C SER A 107 17.44 13.09 -12.84
N ALA A 108 16.38 13.89 -12.64
CA ALA A 108 16.20 15.09 -13.43
C ALA A 108 17.39 16.02 -13.29
N LEU A 109 17.83 16.26 -12.04
CA LEU A 109 19.03 17.05 -11.80
C LEU A 109 20.25 16.40 -12.45
N GLY A 110 20.41 15.09 -12.26
CA GLY A 110 21.58 14.41 -12.79
C GLY A 110 21.60 14.40 -14.31
N PHE A 111 20.47 14.03 -14.93
CA PHE A 111 20.43 13.98 -16.39
C PHE A 111 20.61 15.38 -16.98
N HIS A 112 19.95 16.39 -16.39
CA HIS A 112 20.09 17.75 -16.90
C HIS A 112 21.51 18.26 -16.75
N TRP A 113 22.21 17.86 -15.68
CA TRP A 113 23.59 18.29 -15.50
C TRP A 113 24.52 17.58 -16.48
N ALA A 114 24.33 16.27 -16.65
CA ALA A 114 25.20 15.51 -17.55
C ALA A 114 25.06 15.96 -18.99
N LYS A 115 23.87 16.40 -19.40
CA LYS A 115 23.70 16.88 -20.77
C LYS A 115 24.46 18.18 -20.98
N ARG A 116 24.58 19.02 -19.95
CA ARG A 116 25.33 20.25 -20.09
C ARG A 116 26.82 20.07 -19.86
N ASN A 117 27.24 18.95 -19.27
CA ASN A 117 28.65 18.70 -18.99
C ASN A 117 29.02 17.25 -19.29
N PRO A 118 28.76 16.77 -20.52
CA PRO A 118 28.98 15.34 -20.80
C PRO A 118 30.44 14.92 -20.71
N GLU A 119 31.38 15.86 -20.65
CA GLU A 119 32.79 15.52 -20.51
C GLU A 119 33.14 15.09 -19.09
N ARG A 120 32.27 15.37 -18.12
CA ARG A 120 32.58 15.17 -16.73
C ARG A 120 31.79 14.02 -16.11
N VAL A 121 31.06 13.25 -16.93
CA VAL A 121 30.22 12.16 -16.45
C VAL A 121 30.73 10.87 -17.08
N LYS A 122 31.26 9.98 -16.24
CA LYS A 122 31.80 8.70 -16.71
C LYS A 122 30.79 7.57 -16.66
N GLY A 123 29.60 7.81 -16.12
CA GLY A 123 28.59 6.77 -16.04
C GLY A 123 27.37 7.24 -15.26
N ILE A 124 26.21 6.67 -15.58
CA ILE A 124 24.98 7.00 -14.86
C ILE A 124 24.26 5.71 -14.51
N ALA A 125 24.06 5.47 -13.22
CA ALA A 125 23.13 4.45 -12.74
C ALA A 125 21.86 5.16 -12.30
N PHE A 126 20.73 4.77 -12.88
CA PHE A 126 19.50 5.51 -12.66
C PHE A 126 18.35 4.53 -12.46
N MET A 127 17.31 5.03 -11.78
CA MET A 127 16.20 4.19 -11.38
C MET A 127 15.01 5.09 -11.13
N GLU A 128 13.83 4.63 -11.56
CA GLU A 128 12.56 5.33 -11.34
C GLU A 128 12.72 6.83 -11.60
N PHE A 129 13.26 7.14 -12.78
CA PHE A 129 13.67 8.48 -13.12
C PHE A 129 12.52 9.26 -13.76
N ILE A 130 12.79 10.52 -14.09
CA ILE A 130 11.79 11.42 -14.63
C ILE A 130 11.92 11.45 -16.15
N ARG A 131 10.81 11.18 -16.81
CA ARG A 131 10.69 11.12 -18.26
C ARG A 131 9.37 11.76 -18.64
N PRO A 132 9.22 12.24 -19.88
CA PRO A 132 7.94 12.84 -20.27
C PRO A 132 6.84 11.80 -20.36
N ILE A 133 5.90 11.85 -19.42
CA ILE A 133 4.74 10.98 -19.44
C ILE A 133 3.66 11.65 -20.29
N PRO A 134 3.27 11.06 -21.43
CA PRO A 134 2.40 11.79 -22.36
C PRO A 134 0.96 11.91 -21.89
N THR A 135 0.42 10.91 -21.19
CA THR A 135 -0.98 10.91 -20.81
C THR A 135 -1.09 10.42 -19.36
N TRP A 136 -2.16 10.87 -18.68
CA TRP A 136 -2.39 10.40 -17.33
C TRP A 136 -2.71 8.91 -17.28
N ASP A 137 -3.12 8.32 -18.40
CA ASP A 137 -3.35 6.88 -18.44
C ASP A 137 -2.07 6.10 -18.22
N GLU A 138 -0.90 6.74 -18.32
CA GLU A 138 0.36 6.07 -18.06
C GLU A 138 0.70 6.06 -16.57
N TRP A 139 0.20 7.02 -15.80
CA TRP A 139 0.35 6.99 -14.36
C TRP A 139 -0.42 5.81 -13.78
N PRO A 140 0.06 5.21 -12.69
CA PRO A 140 -0.67 4.08 -12.10
C PRO A 140 -2.07 4.47 -11.67
N GLU A 141 -3.02 3.57 -11.94
CA GLU A 141 -4.43 3.84 -11.65
C GLU A 141 -4.65 4.15 -10.17
N PHE A 142 -3.93 3.45 -9.29
CA PHE A 142 -4.12 3.60 -7.85
C PHE A 142 -3.64 4.94 -7.31
N ALA A 143 -2.97 5.77 -8.12
CA ALA A 143 -2.41 7.03 -7.65
C ALA A 143 -2.79 8.21 -8.52
N ARG A 144 -3.71 8.02 -9.48
CA ARG A 144 -4.04 9.08 -10.43
C ARG A 144 -4.78 10.22 -9.74
N GLU A 145 -5.96 9.93 -9.16
CA GLU A 145 -6.81 10.99 -8.61
C GLU A 145 -6.06 11.82 -7.57
N THR A 146 -5.20 11.17 -6.78
CA THR A 146 -4.48 11.88 -5.72
C THR A 146 -3.42 12.81 -6.30
N PHE A 147 -2.62 12.31 -7.25
CA PHE A 147 -1.59 13.16 -7.85
C PHE A 147 -2.21 14.27 -8.69
N GLN A 148 -3.40 14.04 -9.23
CA GLN A 148 -4.12 15.12 -9.90
C GLN A 148 -4.51 16.21 -8.91
N ALA A 149 -5.06 15.81 -7.76
CA ALA A 149 -5.35 16.76 -6.69
C ALA A 149 -4.08 17.44 -6.18
N PHE A 150 -2.96 16.72 -6.18
CA PHE A 150 -1.69 17.32 -5.77
C PHE A 150 -1.35 18.53 -6.63
N ARG A 151 -1.66 18.46 -7.92
CA ARG A 151 -1.30 19.53 -8.85
C ARG A 151 -2.37 20.62 -8.91
N THR A 152 -2.81 21.05 -7.72
CA THR A 152 -3.66 22.23 -7.55
C THR A 152 -3.15 23.02 -6.34
N THR A 153 -3.51 24.31 -6.28
CA THR A 153 -3.04 25.14 -5.19
C THR A 153 -3.96 25.16 -3.98
N ASP A 154 -5.13 24.52 -4.06
CA ASP A 154 -6.04 24.45 -2.92
C ASP A 154 -6.05 23.07 -2.28
N VAL A 155 -6.52 22.05 -3.00
CA VAL A 155 -6.55 20.70 -2.44
C VAL A 155 -5.13 20.14 -2.32
N GLY A 156 -4.30 20.38 -3.32
CA GLY A 156 -2.93 19.88 -3.26
C GLY A 156 -2.17 20.39 -2.05
N ARG A 157 -2.22 21.70 -1.81
CA ARG A 157 -1.47 22.26 -0.70
C ARG A 157 -2.05 21.83 0.64
N LYS A 158 -3.38 21.75 0.74
CA LYS A 158 -4.01 21.28 1.96
C LYS A 158 -3.54 19.87 2.31
N LEU A 159 -3.53 18.98 1.31
CA LEU A 159 -3.11 17.60 1.52
C LEU A 159 -1.62 17.52 1.89
N ILE A 160 -0.77 18.15 1.09
CA ILE A 160 0.67 17.94 1.18
C ILE A 160 1.31 18.82 2.24
N ILE A 161 0.94 20.09 2.30
CA ILE A 161 1.59 21.06 3.17
C ILE A 161 0.95 21.08 4.55
N ASP A 162 -0.38 21.16 4.60
CA ASP A 162 -1.08 21.24 5.87
C ASP A 162 -1.14 19.89 6.57
N GLN A 163 -1.51 18.84 5.83
CA GLN A 163 -1.81 17.54 6.41
C GLN A 163 -0.66 16.53 6.26
N ASN A 164 0.41 16.90 5.54
CA ASN A 164 1.61 16.09 5.40
C ASN A 164 1.33 14.74 4.75
N VAL A 165 0.41 14.73 3.78
CA VAL A 165 -0.02 13.46 3.19
C VAL A 165 1.08 12.83 2.35
N PHE A 166 1.99 13.63 1.79
CA PHE A 166 3.04 13.04 0.97
C PHE A 166 4.03 12.24 1.81
N ILE A 167 4.31 12.69 3.03
CA ILE A 167 5.19 11.94 3.92
C ILE A 167 4.45 10.74 4.52
N GLU A 168 3.24 10.98 5.04
CA GLU A 168 2.56 9.96 5.83
C GLU A 168 1.93 8.88 4.97
N GLY A 169 1.60 9.19 3.71
CA GLY A 169 0.90 8.23 2.88
C GLY A 169 1.59 7.94 1.56
N THR A 170 1.94 8.99 0.81
CA THR A 170 2.52 8.79 -0.52
C THR A 170 3.87 8.08 -0.44
N LEU A 171 4.68 8.41 0.57
CA LEU A 171 5.98 7.76 0.71
C LEU A 171 5.83 6.28 1.04
N PRO A 172 5.02 5.86 2.03
CA PRO A 172 4.79 4.42 2.20
C PRO A 172 4.22 3.76 0.97
N MET A 173 3.34 4.43 0.25
CA MET A 173 2.69 3.88 -0.92
C MET A 173 3.62 3.81 -2.13
N GLY A 174 4.84 4.34 -2.00
CA GLY A 174 5.88 4.18 -3.00
C GLY A 174 6.88 3.09 -2.68
N VAL A 175 6.65 2.29 -1.64
CA VAL A 175 7.50 1.18 -1.25
C VAL A 175 6.63 -0.07 -1.12
N VAL A 176 7.12 -1.19 -1.64
CA VAL A 176 6.33 -2.42 -1.61
C VAL A 176 6.32 -3.00 -0.19
N ARG A 177 7.50 -3.22 0.38
CA ARG A 177 7.59 -3.71 1.74
C ARG A 177 7.24 -2.60 2.72
N PRO A 178 6.87 -2.94 3.95
CA PRO A 178 6.47 -1.90 4.92
C PRO A 178 7.67 -1.21 5.56
N LEU A 179 7.57 0.11 5.65
CA LEU A 179 8.58 0.90 6.36
C LEU A 179 8.35 0.79 7.86
N THR A 180 9.44 0.84 8.63
CA THR A 180 9.34 0.76 10.07
C THR A 180 9.09 2.15 10.67
N GLU A 181 8.72 2.18 11.96
CA GLU A 181 8.53 3.46 12.63
C GLU A 181 9.81 4.28 12.65
N VAL A 182 10.96 3.61 12.77
CA VAL A 182 12.24 4.31 12.74
C VAL A 182 12.47 4.95 11.37
N GLU A 183 12.18 4.21 10.29
CA GLU A 183 12.40 4.76 8.96
C GLU A 183 11.44 5.92 8.66
N MET A 184 10.15 5.75 8.99
CA MET A 184 9.19 6.85 8.88
C MET A 184 9.70 8.08 9.62
N ASP A 185 10.23 7.88 10.83
CA ASP A 185 10.66 9.01 11.64
C ASP A 185 11.84 9.74 11.00
N HIS A 186 12.71 9.01 10.29
CA HIS A 186 13.82 9.65 9.59
C HIS A 186 13.30 10.51 8.44
N TYR A 187 12.36 9.98 7.65
CA TYR A 187 11.77 10.76 6.56
C TYR A 187 10.93 11.91 7.08
N ARG A 188 10.27 11.73 8.23
CA ARG A 188 9.47 12.82 8.81
C ARG A 188 10.35 13.97 9.31
N GLU A 189 11.60 13.67 9.66
CA GLU A 189 12.40 14.61 10.44
C GLU A 189 12.58 15.97 9.77
N PRO A 190 12.94 16.07 8.48
CA PRO A 190 13.14 17.40 7.89
C PRO A 190 11.86 18.18 7.65
N PHE A 191 10.68 17.65 7.99
CA PHE A 191 9.44 18.28 7.57
C PHE A 191 8.42 18.34 8.69
N LEU A 192 8.87 18.35 9.95
CA LEU A 192 7.94 18.46 11.07
C LEU A 192 7.23 19.79 11.10
N ASN A 193 7.87 20.84 10.59
CA ASN A 193 7.24 22.15 10.49
C ASN A 193 6.50 22.26 9.16
N PRO A 194 5.18 22.46 9.16
CA PRO A 194 4.44 22.45 7.89
C PRO A 194 4.95 23.44 6.85
N VAL A 195 5.49 24.58 7.26
CA VAL A 195 5.96 25.56 6.29
C VAL A 195 7.14 25.02 5.48
N ASP A 196 7.88 24.06 6.02
CA ASP A 196 9.07 23.53 5.36
C ASP A 196 8.74 22.49 4.29
N ARG A 197 7.46 22.36 3.93
CA ARG A 197 7.03 21.29 3.05
C ARG A 197 6.80 21.75 1.62
N GLU A 198 7.11 23.01 1.30
CA GLU A 198 7.03 23.50 -0.08
C GLU A 198 7.61 22.56 -1.12
N PRO A 199 8.82 22.01 -0.98
CA PRO A 199 9.35 21.13 -2.04
C PRO A 199 8.49 19.90 -2.26
N LEU A 200 7.84 19.41 -1.22
CA LEU A 200 7.01 18.21 -1.36
C LEU A 200 5.84 18.45 -2.31
N TRP A 201 5.40 19.70 -2.44
CA TRP A 201 4.29 20.06 -3.31
C TRP A 201 4.75 20.56 -4.67
N ARG A 202 5.86 21.31 -4.72
CA ARG A 202 6.35 21.83 -5.99
C ARG A 202 6.86 20.72 -6.91
N PHE A 203 7.48 19.68 -6.35
CA PHE A 203 7.97 18.58 -7.17
C PHE A 203 6.85 17.88 -7.96
N PRO A 204 5.77 17.38 -7.36
CA PRO A 204 4.70 16.78 -8.19
C PRO A 204 4.06 17.77 -9.15
N ASN A 205 4.10 19.06 -8.82
CA ASN A 205 3.61 20.10 -9.73
C ASN A 205 4.62 20.45 -10.81
N GLU A 206 5.85 19.93 -10.72
CA GLU A 206 6.80 20.04 -11.81
C GLU A 206 6.85 18.81 -12.69
N LEU A 207 6.21 17.72 -12.28
CA LEU A 207 6.26 16.46 -13.01
C LEU A 207 5.74 16.66 -14.44
N PRO A 208 6.52 16.31 -15.47
CA PRO A 208 6.03 16.47 -16.85
C PRO A 208 5.04 15.39 -17.24
N ILE A 209 3.76 15.68 -17.01
CA ILE A 209 2.64 14.80 -17.32
C ILE A 209 1.70 15.55 -18.26
N ALA A 210 1.30 14.88 -19.35
CA ALA A 210 0.28 15.38 -20.26
C ALA A 210 0.59 16.80 -20.74
N GLY A 211 1.84 17.02 -21.12
CA GLY A 211 2.25 18.28 -21.70
C GLY A 211 2.44 19.44 -20.74
N GLU A 212 2.22 19.24 -19.44
CA GLU A 212 2.40 20.34 -18.50
C GLU A 212 3.24 19.91 -17.31
N PRO A 213 4.10 20.81 -16.79
CA PRO A 213 4.31 22.15 -17.35
C PRO A 213 5.21 22.11 -18.59
N ALA A 214 4.90 22.98 -19.56
CA ALA A 214 5.54 22.89 -20.88
C ALA A 214 7.05 23.05 -20.79
N ASN A 215 7.54 23.86 -19.85
CA ASN A 215 8.99 24.11 -19.79
C ASN A 215 9.74 22.89 -19.25
N ILE A 216 9.23 22.26 -18.18
CA ILE A 216 9.87 21.05 -17.68
C ILE A 216 9.81 19.95 -18.73
N VAL A 217 8.66 19.81 -19.40
CA VAL A 217 8.54 18.84 -20.50
C VAL A 217 9.64 19.08 -21.52
N ALA A 218 9.85 20.34 -21.90
CA ALA A 218 10.88 20.66 -22.89
C ALA A 218 12.27 20.31 -22.38
N LEU A 219 12.57 20.64 -21.12
CA LEU A 219 13.88 20.35 -20.57
C LEU A 219 14.14 18.85 -20.51
N VAL A 220 13.16 18.08 -20.07
CA VAL A 220 13.35 16.64 -19.90
C VAL A 220 13.45 15.95 -21.26
N GLU A 221 12.65 16.40 -22.22
CA GLU A 221 12.77 15.88 -23.59
C GLU A 221 14.17 16.14 -24.13
N GLU A 222 14.83 17.21 -23.68
CA GLU A 222 16.18 17.50 -24.14
C GLU A 222 17.16 16.46 -23.63
N TYR A 223 17.14 16.17 -22.32
CA TYR A 223 18.10 15.18 -21.81
C TYR A 223 17.68 13.75 -22.11
N MET A 224 16.42 13.49 -22.41
CA MET A 224 16.06 12.19 -22.95
C MET A 224 16.61 12.00 -24.35
N ASP A 225 16.57 13.06 -25.18
CA ASP A 225 17.12 12.96 -26.53
C ASP A 225 18.64 12.80 -26.50
N TRP A 226 19.32 13.44 -25.55
CA TRP A 226 20.75 13.19 -25.36
C TRP A 226 21.00 11.75 -24.92
N LEU A 227 20.20 11.25 -23.97
CA LEU A 227 20.38 9.89 -23.46
C LEU A 227 20.29 8.87 -24.59
N HIS A 228 19.39 9.08 -25.55
CA HIS A 228 19.20 8.11 -26.61
C HIS A 228 20.37 8.05 -27.58
N GLN A 229 21.27 9.01 -27.53
CA GLN A 229 22.40 9.05 -28.46
C GLN A 229 23.74 8.94 -27.76
N SER A 230 23.88 9.52 -26.57
CA SER A 230 25.17 9.55 -25.89
C SER A 230 25.68 8.14 -25.63
N PRO A 231 26.97 7.90 -25.77
CA PRO A 231 27.53 6.57 -25.47
C PRO A 231 27.84 6.33 -24.01
N VAL A 232 27.46 7.27 -23.13
CA VAL A 232 27.82 7.19 -21.71
C VAL A 232 27.32 5.87 -21.11
N PRO A 233 28.11 5.19 -20.28
CA PRO A 233 27.65 3.92 -19.70
C PRO A 233 26.40 4.10 -18.85
N LYS A 234 25.44 3.18 -19.02
CA LYS A 234 24.11 3.33 -18.45
C LYS A 234 23.72 2.06 -17.69
N LEU A 235 23.21 2.24 -16.47
CA LEU A 235 22.73 1.15 -15.62
C LEU A 235 21.32 1.49 -15.15
N LEU A 236 20.33 0.77 -15.66
CA LEU A 236 18.93 1.00 -15.33
C LEU A 236 18.45 -0.03 -14.32
N PHE A 237 17.94 0.44 -13.19
CA PHE A 237 17.26 -0.41 -12.23
C PHE A 237 15.77 -0.20 -12.36
N TRP A 238 15.02 -1.29 -12.39
CA TRP A 238 13.57 -1.23 -12.56
C TRP A 238 12.91 -2.32 -11.73
N GLY A 239 11.61 -2.14 -11.45
CA GLY A 239 10.87 -3.11 -10.68
C GLY A 239 9.41 -3.11 -11.05
N THR A 240 8.68 -4.10 -10.55
CA THR A 240 7.27 -4.29 -10.86
C THR A 240 6.41 -3.93 -9.65
N PRO A 241 5.37 -3.10 -9.83
CA PRO A 241 4.94 -2.51 -11.10
C PRO A 241 5.63 -1.17 -11.43
N GLY A 242 6.39 -0.63 -10.47
CA GLY A 242 7.00 0.67 -10.66
C GLY A 242 5.96 1.78 -10.69
N VAL A 243 6.44 3.01 -10.76
CA VAL A 243 5.56 4.19 -10.85
C VAL A 243 5.95 5.03 -12.05
N LEU A 244 7.16 5.56 -12.03
CA LEU A 244 7.61 6.42 -13.12
C LEU A 244 8.06 5.58 -14.32
N ILE A 245 8.67 4.44 -14.05
CA ILE A 245 9.12 3.54 -15.12
C ILE A 245 8.39 2.22 -15.01
N PRO A 246 7.28 2.02 -15.73
CA PRO A 246 6.62 0.72 -15.72
C PRO A 246 7.46 -0.30 -16.47
N PRO A 247 7.32 -1.58 -16.14
CA PRO A 247 8.19 -2.61 -16.76
C PRO A 247 8.23 -2.54 -18.28
N ALA A 248 7.11 -2.22 -18.93
CA ALA A 248 7.11 -2.12 -20.39
C ALA A 248 8.02 -0.99 -20.85
N GLU A 249 8.05 0.12 -20.11
CA GLU A 249 8.93 1.23 -20.46
C GLU A 249 10.39 0.84 -20.29
N ALA A 250 10.72 0.13 -19.21
CA ALA A 250 12.11 -0.22 -18.95
C ALA A 250 12.67 -1.13 -20.05
N ALA A 251 11.84 -2.02 -20.58
CA ALA A 251 12.31 -2.95 -21.62
C ALA A 251 12.68 -2.20 -22.89
N ARG A 252 11.88 -1.19 -23.27
CA ARG A 252 12.22 -0.39 -24.44
C ARG A 252 13.47 0.47 -24.18
N LEU A 253 13.58 1.02 -22.96
CA LEU A 253 14.78 1.77 -22.62
C LEU A 253 16.02 0.87 -22.63
N ALA A 254 15.87 -0.40 -22.28
CA ALA A 254 17.01 -1.32 -22.30
C ALA A 254 17.42 -1.66 -23.73
N LYS A 255 16.48 -1.61 -24.68
CA LYS A 255 16.80 -1.92 -26.07
C LYS A 255 17.19 -0.69 -26.88
N SER A 256 16.83 0.51 -26.43
CA SER A 256 17.03 1.72 -27.21
C SER A 256 18.11 2.65 -26.69
N LEU A 257 18.40 2.62 -25.40
CA LEU A 257 19.44 3.48 -24.84
C LEU A 257 20.81 2.86 -25.11
N PRO A 258 21.74 3.57 -25.75
CA PRO A 258 23.05 2.98 -26.02
C PRO A 258 23.80 2.69 -24.73
N ASN A 259 24.59 1.61 -24.77
CA ASN A 259 25.50 1.28 -23.67
C ASN A 259 24.76 1.08 -22.36
N CYS A 260 23.59 0.44 -22.43
CA CYS A 260 22.66 0.35 -21.31
C CYS A 260 22.51 -1.08 -20.84
N LYS A 261 22.75 -1.30 -19.55
CA LYS A 261 22.43 -2.56 -18.88
C LYS A 261 21.24 -2.32 -17.95
N ALA A 262 20.25 -3.19 -18.02
CA ALA A 262 19.07 -3.11 -17.16
C ALA A 262 19.07 -4.26 -16.17
N VAL A 263 18.53 -3.99 -14.97
CA VAL A 263 18.54 -4.96 -13.87
C VAL A 263 17.18 -4.96 -13.20
N ASP A 264 16.49 -6.11 -13.24
CA ASP A 264 15.20 -6.30 -12.59
C ASP A 264 15.44 -6.46 -11.09
N ILE A 265 14.98 -5.50 -10.28
CA ILE A 265 15.20 -5.59 -8.84
C ILE A 265 14.10 -6.35 -8.13
N GLY A 266 13.11 -6.85 -8.86
CA GLY A 266 12.00 -7.57 -8.26
C GLY A 266 10.78 -6.69 -8.07
N PRO A 267 9.99 -6.97 -7.04
CA PRO A 267 8.89 -6.06 -6.70
C PRO A 267 9.41 -4.69 -6.34
N GLY A 268 8.70 -3.66 -6.78
CA GLY A 268 9.11 -2.30 -6.51
C GLY A 268 8.07 -1.29 -6.96
N LEU A 269 8.13 -0.11 -6.35
CA LEU A 269 7.23 0.98 -6.71
C LEU A 269 8.10 2.16 -7.15
N ASN A 270 8.31 3.16 -6.29
CA ASN A 270 9.18 4.28 -6.64
C ASN A 270 10.52 4.25 -5.92
N LEU A 271 10.51 4.09 -4.60
CA LEU A 271 11.74 4.01 -3.82
C LEU A 271 12.27 2.58 -3.92
N LEU A 272 12.91 2.30 -5.07
CA LEU A 272 13.47 0.98 -5.30
C LEU A 272 14.52 0.64 -4.25
N GLN A 273 15.26 1.65 -3.80
CA GLN A 273 16.29 1.48 -2.79
C GLN A 273 15.76 0.80 -1.54
N GLU A 274 14.49 1.00 -1.21
CA GLU A 274 13.95 0.42 0.01
C GLU A 274 13.43 -1.00 -0.15
N ASP A 275 13.22 -1.46 -1.39
CA ASP A 275 12.76 -2.82 -1.64
C ASP A 275 13.88 -3.80 -1.92
N ASN A 276 15.00 -3.37 -2.51
CA ASN A 276 16.13 -4.26 -2.75
C ASN A 276 17.44 -3.48 -2.74
N PRO A 277 17.86 -2.99 -1.57
CA PRO A 277 19.13 -2.26 -1.50
C PRO A 277 20.35 -3.14 -1.74
N ASP A 278 20.28 -4.42 -1.37
CA ASP A 278 21.44 -5.29 -1.54
C ASP A 278 21.76 -5.52 -3.02
N LEU A 279 20.73 -5.73 -3.86
CA LEU A 279 21.01 -5.94 -5.27
C LEU A 279 21.48 -4.66 -5.94
N ILE A 280 20.88 -3.51 -5.57
CA ILE A 280 21.20 -2.27 -6.26
C ILE A 280 22.62 -1.84 -5.95
N GLY A 281 23.01 -1.90 -4.67
CA GLY A 281 24.36 -1.48 -4.31
C GLY A 281 25.42 -2.45 -4.80
N SER A 282 25.16 -3.76 -4.69
CA SER A 282 26.10 -4.75 -5.17
C SER A 282 26.24 -4.71 -6.69
N GLU A 283 25.16 -4.40 -7.41
CA GLU A 283 25.26 -4.29 -8.85
C GLU A 283 25.96 -3.00 -9.28
N ILE A 284 25.78 -1.92 -8.52
CA ILE A 284 26.49 -0.68 -8.84
C ILE A 284 27.98 -0.86 -8.69
N ALA A 285 28.41 -1.52 -7.60
CA ALA A 285 29.84 -1.78 -7.40
C ALA A 285 30.43 -2.61 -8.53
N ARG A 286 29.73 -3.68 -8.93
CA ARG A 286 30.21 -4.52 -10.03
C ARG A 286 30.31 -3.71 -11.32
N TRP A 287 29.28 -2.92 -11.62
CA TRP A 287 29.27 -2.12 -12.83
C TRP A 287 30.38 -1.06 -12.81
N LEU A 288 30.60 -0.46 -11.63
CA LEU A 288 31.67 0.53 -11.46
C LEU A 288 33.02 -0.02 -11.89
N SER A 289 33.31 -1.27 -11.53
CA SER A 289 34.60 -1.87 -11.84
C SER A 289 34.82 -2.06 -13.34
N THR A 290 33.78 -1.90 -14.16
CA THR A 290 33.90 -2.02 -15.60
C THR A 290 34.10 -0.67 -16.29
N LEU A 291 34.17 0.42 -15.53
CA LEU A 291 34.31 1.76 -16.10
C LEU A 291 35.75 2.23 -16.03
N GLU A 292 36.13 3.02 -17.04
CA GLU A 292 37.45 3.66 -17.10
C GLU A 292 37.43 4.86 -16.15
N ILE A 293 37.56 4.57 -14.86
CA ILE A 293 37.51 5.61 -13.84
C ILE A 293 38.71 5.55 -12.91
N GLY B 1 -39.66 -12.81 13.83
CA GLY B 1 -38.29 -12.89 14.32
C GLY B 1 -37.26 -12.51 13.28
N ILE B 2 -36.02 -12.96 13.48
CA ILE B 2 -34.97 -12.72 12.51
C ILE B 2 -35.21 -13.58 11.28
N GLY B 3 -35.04 -12.98 10.10
CA GLY B 3 -35.35 -13.69 8.87
C GLY B 3 -34.41 -14.86 8.66
N THR B 4 -34.97 -15.94 8.09
CA THR B 4 -34.21 -17.15 7.80
C THR B 4 -34.06 -17.44 6.31
N GLY B 5 -34.74 -16.69 5.45
CA GLY B 5 -34.72 -16.99 4.03
C GLY B 5 -33.60 -16.27 3.27
N PHE B 6 -33.32 -16.78 2.08
CA PHE B 6 -32.33 -16.22 1.16
C PHE B 6 -33.03 -16.00 -0.18
N PRO B 7 -33.77 -14.90 -0.31
CA PRO B 7 -34.62 -14.70 -1.50
C PRO B 7 -33.88 -14.13 -2.70
N PHE B 8 -32.56 -14.00 -2.67
CA PHE B 8 -31.86 -13.25 -3.71
C PHE B 8 -31.59 -14.12 -4.92
N ASP B 9 -31.88 -13.57 -6.10
CA ASP B 9 -31.58 -14.26 -7.34
C ASP B 9 -30.07 -14.46 -7.47
N PRO B 10 -29.63 -15.58 -8.01
CA PRO B 10 -28.18 -15.80 -8.16
C PRO B 10 -27.60 -14.91 -9.25
N HIS B 11 -26.37 -14.49 -9.03
CA HIS B 11 -25.55 -13.89 -10.07
C HIS B 11 -24.16 -14.51 -9.97
N TYR B 12 -23.53 -14.65 -11.13
CA TYR B 12 -22.26 -15.35 -11.24
C TYR B 12 -21.34 -14.55 -12.15
N VAL B 13 -20.04 -14.60 -11.84
CA VAL B 13 -19.02 -13.97 -12.67
C VAL B 13 -17.82 -14.89 -12.74
N GLU B 14 -17.24 -15.03 -13.93
CA GLU B 14 -16.05 -15.85 -14.11
C GLU B 14 -14.83 -15.06 -13.67
N VAL B 15 -14.03 -15.68 -12.80
CA VAL B 15 -12.88 -15.04 -12.19
C VAL B 15 -11.80 -16.11 -12.04
N LEU B 16 -10.64 -15.88 -12.66
CA LEU B 16 -9.50 -16.79 -12.58
C LEU B 16 -9.91 -18.22 -12.96
N GLY B 17 -10.80 -18.34 -13.93
CA GLY B 17 -11.28 -19.63 -14.37
C GLY B 17 -12.37 -20.25 -13.53
N GLU B 18 -12.83 -19.56 -12.47
CA GLU B 18 -13.85 -20.09 -11.59
C GLU B 18 -15.10 -19.22 -11.62
N ARG B 19 -16.21 -19.80 -11.20
CA ARG B 19 -17.46 -19.07 -11.02
C ARG B 19 -17.57 -18.63 -9.58
N MET B 20 -17.82 -17.33 -9.37
CA MET B 20 -18.08 -16.77 -8.06
C MET B 20 -19.51 -16.24 -8.05
N HIS B 21 -20.28 -16.65 -7.05
CA HIS B 21 -21.67 -16.22 -6.91
C HIS B 21 -21.75 -14.96 -6.05
N TYR B 22 -22.69 -14.07 -6.39
CA TYR B 22 -22.86 -12.85 -5.63
C TYR B 22 -24.31 -12.37 -5.71
N VAL B 23 -24.72 -11.67 -4.66
CA VAL B 23 -26.00 -10.97 -4.65
C VAL B 23 -25.83 -9.63 -5.32
N ASP B 24 -26.84 -9.20 -6.09
CA ASP B 24 -26.84 -7.88 -6.75
C ASP B 24 -28.26 -7.35 -6.75
N VAL B 25 -28.57 -6.52 -5.76
CA VAL B 25 -29.87 -5.87 -5.65
C VAL B 25 -29.64 -4.37 -5.46
N GLY B 26 -30.74 -3.62 -5.54
CA GLY B 26 -30.69 -2.19 -5.36
C GLY B 26 -30.61 -1.45 -6.67
N PRO B 27 -30.74 -0.11 -6.62
CA PRO B 27 -30.71 0.69 -7.85
C PRO B 27 -29.34 0.67 -8.51
N ARG B 28 -29.35 0.68 -9.85
CA ARG B 28 -28.13 0.51 -10.63
C ARG B 28 -27.21 1.72 -10.56
N ASP B 29 -27.73 2.91 -10.25
CA ASP B 29 -26.93 4.12 -10.21
C ASP B 29 -26.45 4.40 -8.77
N GLY B 30 -25.59 5.41 -8.65
CA GLY B 30 -25.00 5.73 -7.37
C GLY B 30 -23.84 4.80 -7.02
N THR B 31 -23.26 5.04 -5.85
CA THR B 31 -22.13 4.22 -5.46
C THR B 31 -22.62 2.86 -4.94
N PRO B 32 -21.94 1.78 -5.32
CA PRO B 32 -22.32 0.45 -4.80
C PRO B 32 -21.80 0.20 -3.40
N VAL B 33 -22.48 -0.71 -2.71
CA VAL B 33 -22.13 -1.12 -1.35
C VAL B 33 -21.73 -2.59 -1.42
N LEU B 34 -20.44 -2.87 -1.20
CA LEU B 34 -19.89 -4.22 -1.31
C LEU B 34 -19.85 -4.87 0.08
N PHE B 35 -20.58 -5.98 0.23
CA PHE B 35 -20.65 -6.70 1.50
C PHE B 35 -19.71 -7.90 1.46
N LEU B 36 -18.79 -7.99 2.41
CA LEU B 36 -17.78 -9.05 2.43
C LEU B 36 -17.91 -9.87 3.71
N HIS B 37 -18.25 -11.14 3.54
CA HIS B 37 -18.43 -12.07 4.65
C HIS B 37 -17.11 -12.74 5.03
N GLY B 38 -17.12 -13.43 6.16
CA GLY B 38 -15.93 -14.12 6.63
C GLY B 38 -16.14 -15.60 6.86
N ASN B 39 -15.40 -16.17 7.81
CA ASN B 39 -15.41 -17.59 8.14
C ASN B 39 -16.39 -17.85 9.28
N PRO B 40 -17.31 -18.84 9.16
CA PRO B 40 -17.53 -19.76 8.05
C PRO B 40 -18.83 -19.50 7.30
N THR B 41 -19.06 -18.25 6.93
CA THR B 41 -20.38 -17.85 6.44
C THR B 41 -20.38 -17.78 4.91
N SER B 42 -21.31 -16.98 4.38
CA SER B 42 -21.48 -16.67 2.98
C SER B 42 -22.23 -15.35 2.91
N SER B 43 -22.71 -14.97 1.73
CA SER B 43 -23.57 -13.80 1.66
C SER B 43 -24.83 -13.98 2.50
N TYR B 44 -25.16 -15.23 2.87
CA TYR B 44 -26.30 -15.50 3.73
C TYR B 44 -26.22 -14.71 5.04
N VAL B 45 -25.01 -14.46 5.56
CA VAL B 45 -24.89 -13.71 6.80
C VAL B 45 -25.35 -12.27 6.64
N TRP B 46 -25.45 -11.76 5.42
CA TRP B 46 -25.94 -10.40 5.17
C TRP B 46 -27.43 -10.37 4.82
N ARG B 47 -28.15 -11.49 4.96
CA ARG B 47 -29.50 -11.60 4.40
C ARG B 47 -30.49 -10.62 5.02
N ASN B 48 -30.29 -10.24 6.29
CA ASN B 48 -31.21 -9.34 6.98
C ASN B 48 -30.65 -7.93 7.14
N ILE B 49 -29.48 -7.66 6.56
CA ILE B 49 -28.89 -6.33 6.62
C ILE B 49 -29.06 -5.60 5.30
N ILE B 50 -28.83 -6.30 4.19
CA ILE B 50 -29.02 -5.79 2.83
C ILE B 50 -30.41 -5.15 2.67
N PRO B 51 -31.51 -5.75 3.16
CA PRO B 51 -32.83 -5.13 2.96
C PRO B 51 -32.95 -3.71 3.48
N HIS B 52 -32.13 -3.29 4.45
CA HIS B 52 -32.16 -1.91 4.94
C HIS B 52 -31.44 -0.95 4.01
N VAL B 53 -30.53 -1.46 3.19
CA VAL B 53 -29.72 -0.64 2.30
C VAL B 53 -30.20 -0.71 0.85
N ALA B 54 -30.73 -1.85 0.40
CA ALA B 54 -31.16 -2.01 -0.99
C ALA B 54 -32.16 -0.98 -1.51
N PRO B 55 -33.08 -0.41 -0.71
CA PRO B 55 -34.03 0.57 -1.28
C PRO B 55 -33.37 1.79 -1.91
N THR B 56 -32.15 2.14 -1.51
CA THR B 56 -31.52 3.35 -2.01
C THR B 56 -30.10 3.17 -2.52
N HIS B 57 -29.47 2.01 -2.33
CA HIS B 57 -28.11 1.78 -2.77
C HIS B 57 -27.99 0.37 -3.33
N ARG B 58 -27.25 0.23 -4.42
CA ARG B 58 -26.91 -1.09 -4.93
C ARG B 58 -26.12 -1.85 -3.88
N CYS B 59 -26.43 -3.14 -3.73
CA CYS B 59 -25.79 -4.02 -2.77
C CYS B 59 -25.22 -5.21 -3.51
N ILE B 60 -23.91 -5.45 -3.34
CA ILE B 60 -23.22 -6.59 -3.92
C ILE B 60 -22.60 -7.40 -2.80
N ALA B 61 -23.07 -8.64 -2.64
CA ALA B 61 -22.58 -9.55 -1.60
C ALA B 61 -22.04 -10.82 -2.24
N PRO B 62 -20.75 -10.89 -2.52
CA PRO B 62 -20.18 -12.11 -3.09
C PRO B 62 -19.95 -13.20 -2.05
N ASP B 63 -20.00 -14.44 -2.53
CA ASP B 63 -19.51 -15.58 -1.76
C ASP B 63 -18.05 -15.81 -2.11
N LEU B 64 -17.19 -15.83 -1.09
CA LEU B 64 -15.78 -16.10 -1.30
C LEU B 64 -15.59 -17.42 -2.04
N ILE B 65 -14.50 -17.50 -2.81
CA ILE B 65 -14.16 -18.72 -3.51
C ILE B 65 -14.13 -19.87 -2.51
N GLY B 66 -14.66 -21.02 -2.91
CA GLY B 66 -14.73 -22.16 -2.01
C GLY B 66 -15.76 -22.06 -0.90
N MET B 67 -16.61 -21.04 -0.90
CA MET B 67 -17.67 -20.91 0.09
C MET B 67 -18.95 -20.41 -0.59
N GLY B 68 -20.06 -20.50 0.13
CA GLY B 68 -21.33 -20.08 -0.44
C GLY B 68 -21.70 -20.92 -1.65
N LYS B 69 -22.21 -20.24 -2.68
CA LYS B 69 -22.51 -20.87 -3.97
C LYS B 69 -21.39 -20.71 -4.98
N SER B 70 -20.27 -20.10 -4.61
CA SER B 70 -19.14 -19.99 -5.51
C SER B 70 -18.51 -21.37 -5.73
N ASP B 71 -17.66 -21.46 -6.75
CA ASP B 71 -16.99 -22.71 -7.07
C ASP B 71 -15.97 -23.07 -6.00
N LYS B 72 -15.57 -24.34 -6.00
CA LYS B 72 -14.74 -24.90 -4.94
C LYS B 72 -13.49 -25.57 -5.53
N PRO B 73 -12.59 -24.79 -6.13
CA PRO B 73 -11.39 -25.39 -6.72
C PRO B 73 -10.47 -25.96 -5.64
N ASP B 74 -9.51 -26.77 -6.11
CA ASP B 74 -8.60 -27.49 -5.22
C ASP B 74 -7.44 -26.57 -4.82
N LEU B 75 -7.76 -25.63 -3.95
CA LEU B 75 -6.79 -24.66 -3.47
C LEU B 75 -6.47 -24.92 -2.00
N GLY B 76 -5.35 -24.37 -1.55
CA GLY B 76 -5.09 -24.34 -0.13
C GLY B 76 -5.99 -23.35 0.60
N TYR B 77 -6.57 -22.40 -0.14
CA TYR B 77 -7.46 -21.39 0.41
C TYR B 77 -6.73 -20.53 1.45
N PHE B 78 -5.46 -20.29 1.18
CA PHE B 78 -4.73 -19.27 1.93
C PHE B 78 -5.37 -17.92 1.71
N PHE B 79 -5.07 -16.98 2.62
CA PHE B 79 -5.56 -15.63 2.46
C PHE B 79 -5.17 -15.05 1.11
N ASP B 80 -3.97 -15.39 0.64
CA ASP B 80 -3.52 -14.88 -0.66
C ASP B 80 -4.38 -15.40 -1.80
N ASP B 81 -4.94 -16.60 -1.66
CA ASP B 81 -5.89 -17.08 -2.66
C ASP B 81 -7.14 -16.20 -2.67
N HIS B 82 -7.66 -15.89 -1.49
CA HIS B 82 -8.83 -15.03 -1.40
C HIS B 82 -8.53 -13.61 -1.86
N VAL B 83 -7.28 -13.15 -1.68
CA VAL B 83 -6.89 -11.83 -2.18
C VAL B 83 -6.91 -11.81 -3.70
N ARG B 84 -6.35 -12.85 -4.35
CA ARG B 84 -6.34 -12.90 -5.80
C ARG B 84 -7.76 -12.99 -6.36
N PHE B 85 -8.61 -13.78 -5.71
CA PHE B 85 -9.96 -13.98 -6.23
C PHE B 85 -10.84 -12.74 -6.01
N MET B 86 -10.65 -12.04 -4.88
CA MET B 86 -11.47 -10.86 -4.63
C MET B 86 -11.00 -9.66 -5.44
N ASP B 87 -9.69 -9.56 -5.69
CA ASP B 87 -9.19 -8.53 -6.60
C ASP B 87 -9.81 -8.67 -7.98
N ALA B 88 -9.91 -9.90 -8.47
CA ALA B 88 -10.45 -10.13 -9.81
C ALA B 88 -11.97 -10.02 -9.84
N PHE B 89 -12.65 -10.39 -8.74
CA PHE B 89 -14.09 -10.18 -8.65
C PHE B 89 -14.43 -8.70 -8.81
N ILE B 90 -13.76 -7.85 -8.03
CA ILE B 90 -14.06 -6.41 -8.05
C ILE B 90 -13.84 -5.84 -9.44
N GLU B 91 -12.75 -6.25 -10.10
CA GLU B 91 -12.45 -5.70 -11.42
C GLU B 91 -13.37 -6.24 -12.49
N ALA B 92 -13.75 -7.53 -12.37
CA ALA B 92 -14.67 -8.11 -13.33
C ALA B 92 -16.04 -7.46 -13.29
N LEU B 93 -16.40 -6.83 -12.17
CA LEU B 93 -17.66 -6.13 -12.02
C LEU B 93 -17.58 -4.66 -12.43
N GLY B 94 -16.39 -4.17 -12.76
CA GLY B 94 -16.24 -2.79 -13.18
C GLY B 94 -16.53 -1.76 -12.12
N LEU B 95 -16.51 -2.14 -10.85
CA LEU B 95 -16.74 -1.18 -9.78
C LEU B 95 -15.65 -0.12 -9.75
N GLU B 96 -16.07 1.14 -9.79
CA GLU B 96 -15.17 2.27 -9.61
C GLU B 96 -15.10 2.65 -8.13
N GLU B 97 -15.90 3.63 -7.71
CA GLU B 97 -16.04 3.94 -6.30
C GLU B 97 -16.95 2.92 -5.63
N VAL B 98 -16.64 2.60 -4.37
CA VAL B 98 -17.45 1.68 -3.57
C VAL B 98 -17.47 2.14 -2.11
N VAL B 99 -18.46 1.62 -1.39
CA VAL B 99 -18.48 1.63 0.07
C VAL B 99 -18.33 0.18 0.51
N LEU B 100 -17.49 -0.06 1.52
CA LEU B 100 -17.22 -1.41 2.01
C LEU B 100 -18.00 -1.68 3.30
N VAL B 101 -18.68 -2.82 3.34
CA VAL B 101 -19.29 -3.34 4.56
C VAL B 101 -18.72 -4.73 4.79
N ILE B 102 -17.90 -4.89 5.83
CA ILE B 102 -17.00 -6.02 5.94
C ILE B 102 -17.03 -6.61 7.35
N HIS B 103 -16.69 -7.90 7.43
CA HIS B 103 -16.76 -8.64 8.69
C HIS B 103 -15.83 -9.84 8.65
N ASP B 104 -15.14 -10.08 9.77
CA ASP B 104 -14.32 -11.29 9.97
C ASP B 104 -13.26 -11.29 8.87
N TRP B 105 -13.01 -12.40 8.17
CA TRP B 105 -11.98 -12.39 7.15
C TRP B 105 -12.35 -11.54 5.95
N GLY B 106 -13.64 -11.30 5.73
CA GLY B 106 -14.03 -10.31 4.73
C GLY B 106 -13.49 -8.93 5.07
N SER B 107 -13.33 -8.63 6.36
CA SER B 107 -12.72 -7.36 6.73
C SER B 107 -11.23 -7.34 6.40
N ALA B 108 -10.54 -8.46 6.61
CA ALA B 108 -9.16 -8.55 6.17
C ALA B 108 -9.04 -8.29 4.67
N LEU B 109 -9.89 -8.94 3.87
CA LEU B 109 -9.92 -8.67 2.43
C LEU B 109 -10.27 -7.21 2.16
N GLY B 110 -11.31 -6.70 2.82
CA GLY B 110 -11.72 -5.33 2.58
C GLY B 110 -10.66 -4.33 2.97
N PHE B 111 -10.11 -4.47 4.18
CA PHE B 111 -9.11 -3.51 4.65
C PHE B 111 -7.83 -3.57 3.81
N HIS B 112 -7.42 -4.78 3.42
CA HIS B 112 -6.22 -4.93 2.60
C HIS B 112 -6.43 -4.38 1.20
N TRP B 113 -7.65 -4.50 0.66
CA TRP B 113 -7.94 -3.95 -0.66
C TRP B 113 -8.02 -2.43 -0.61
N ALA B 114 -8.68 -1.89 0.43
CA ALA B 114 -8.80 -0.44 0.55
C ALA B 114 -7.45 0.24 0.74
N LYS B 115 -6.52 -0.42 1.44
CA LYS B 115 -5.19 0.16 1.61
C LYS B 115 -4.45 0.24 0.29
N ARG B 116 -4.78 -0.66 -0.65
CA ARG B 116 -4.15 -0.68 -1.96
C ARG B 116 -4.89 0.16 -3.00
N ASN B 117 -6.12 0.60 -2.69
CA ASN B 117 -6.90 1.42 -3.61
C ASN B 117 -7.64 2.51 -2.85
N PRO B 118 -6.93 3.36 -2.09
CA PRO B 118 -7.64 4.30 -1.21
C PRO B 118 -8.44 5.35 -1.95
N GLU B 119 -8.22 5.54 -3.25
CA GLU B 119 -9.01 6.49 -4.03
C GLU B 119 -10.41 5.98 -4.33
N ARG B 120 -10.67 4.69 -4.15
CA ARG B 120 -11.90 4.07 -4.61
C ARG B 120 -12.80 3.63 -3.47
N VAL B 121 -12.43 3.91 -2.22
CA VAL B 121 -13.22 3.52 -1.05
C VAL B 121 -13.76 4.79 -0.41
N LYS B 122 -15.08 4.93 -0.42
CA LYS B 122 -15.76 6.11 0.11
C LYS B 122 -16.24 5.93 1.54
N GLY B 123 -16.03 4.76 2.12
CA GLY B 123 -16.44 4.52 3.49
C GLY B 123 -16.33 3.05 3.83
N ILE B 124 -16.13 2.73 5.11
CA ILE B 124 -15.97 1.34 5.54
C ILE B 124 -16.82 1.13 6.78
N ALA B 125 -17.81 0.24 6.68
CA ALA B 125 -18.54 -0.25 7.84
C ALA B 125 -17.99 -1.64 8.17
N PHE B 126 -17.50 -1.81 9.39
CA PHE B 126 -16.81 -3.04 9.76
C PHE B 126 -17.21 -3.44 11.17
N MET B 127 -17.06 -4.74 11.44
CA MET B 127 -17.51 -5.34 12.68
C MET B 127 -16.75 -6.63 12.87
N GLU B 128 -16.30 -6.87 14.10
CA GLU B 128 -15.61 -8.11 14.46
C GLU B 128 -14.56 -8.49 13.43
N PHE B 129 -13.60 -7.57 13.27
CA PHE B 129 -12.66 -7.61 12.16
C PHE B 129 -11.33 -8.22 12.58
N ILE B 130 -10.53 -8.59 11.58
CA ILE B 130 -9.22 -9.20 11.81
C ILE B 130 -8.23 -8.12 12.19
N ARG B 131 -7.57 -8.31 13.33
CA ARG B 131 -6.56 -7.41 13.86
C ARG B 131 -5.43 -8.28 14.40
N PRO B 132 -4.23 -7.72 14.53
CA PRO B 132 -3.13 -8.49 15.15
C PRO B 132 -3.39 -8.64 16.64
N ILE B 133 -3.54 -9.88 17.09
CA ILE B 133 -3.79 -10.18 18.49
C ILE B 133 -2.45 -10.63 19.10
N PRO B 134 -1.91 -9.89 20.07
CA PRO B 134 -0.53 -10.16 20.49
C PRO B 134 -0.37 -11.44 21.29
N THR B 135 -1.30 -11.76 22.19
CA THR B 135 -1.12 -12.90 23.07
C THR B 135 -2.43 -13.68 23.14
N TRP B 136 -2.31 -15.00 23.27
CA TRP B 136 -3.50 -15.85 23.38
C TRP B 136 -4.37 -15.47 24.57
N ASP B 137 -3.81 -14.76 25.56
CA ASP B 137 -4.60 -14.26 26.68
C ASP B 137 -5.58 -13.17 26.27
N GLU B 138 -5.51 -12.68 25.02
CA GLU B 138 -6.50 -11.76 24.50
C GLU B 138 -7.62 -12.46 23.73
N TRP B 139 -7.41 -13.73 23.35
CA TRP B 139 -8.50 -14.56 22.86
C TRP B 139 -9.43 -14.93 24.02
N PRO B 140 -10.74 -15.06 23.76
CA PRO B 140 -11.66 -15.41 24.85
C PRO B 140 -11.31 -16.75 25.47
N GLU B 141 -11.30 -16.79 26.80
CA GLU B 141 -11.01 -17.98 27.59
C GLU B 141 -11.77 -19.22 27.10
N PHE B 142 -13.05 -19.04 26.77
CA PHE B 142 -13.92 -20.18 26.46
C PHE B 142 -13.63 -20.81 25.11
N ALA B 143 -12.75 -20.21 24.31
CA ALA B 143 -12.44 -20.73 22.98
C ALA B 143 -10.94 -20.91 22.73
N ARG B 144 -10.11 -20.71 23.75
CA ARG B 144 -8.66 -20.71 23.55
C ARG B 144 -8.15 -22.07 23.12
N GLU B 145 -8.36 -23.09 23.96
CA GLU B 145 -7.76 -24.40 23.71
C GLU B 145 -8.28 -25.01 22.40
N THR B 146 -9.55 -24.78 22.07
CA THR B 146 -10.09 -25.30 20.82
C THR B 146 -9.45 -24.62 19.62
N PHE B 147 -9.24 -23.30 19.68
CA PHE B 147 -8.63 -22.62 18.55
C PHE B 147 -7.14 -22.94 18.46
N GLN B 148 -6.50 -23.23 19.59
CA GLN B 148 -5.13 -23.71 19.54
C GLN B 148 -5.04 -25.11 18.91
N ALA B 149 -6.04 -25.95 19.19
CA ALA B 149 -6.09 -27.24 18.52
C ALA B 149 -6.40 -27.09 17.03
N PHE B 150 -7.23 -26.10 16.68
CA PHE B 150 -7.55 -25.87 15.27
C PHE B 150 -6.29 -25.60 14.45
N ARG B 151 -5.32 -24.90 15.03
CA ARG B 151 -4.10 -24.53 14.34
C ARG B 151 -3.04 -25.62 14.36
N THR B 152 -3.45 -26.86 14.15
CA THR B 152 -2.54 -27.99 13.94
C THR B 152 -3.06 -28.78 12.74
N THR B 153 -2.17 -29.57 12.13
CA THR B 153 -2.57 -30.32 10.95
C THR B 153 -3.13 -31.69 11.27
N ASP B 154 -3.12 -32.12 12.53
CA ASP B 154 -3.67 -33.42 12.89
C ASP B 154 -4.97 -33.29 13.68
N VAL B 155 -4.95 -32.65 14.85
CA VAL B 155 -6.17 -32.50 15.63
C VAL B 155 -7.07 -31.43 15.01
N GLY B 156 -6.48 -30.37 14.47
CA GLY B 156 -7.27 -29.34 13.80
C GLY B 156 -8.08 -29.89 12.64
N ARG B 157 -7.41 -30.60 11.73
CA ARG B 157 -8.10 -31.09 10.54
C ARG B 157 -9.15 -32.15 10.88
N LYS B 158 -8.88 -32.98 11.89
CA LYS B 158 -9.87 -33.96 12.31
C LYS B 158 -11.13 -33.28 12.83
N LEU B 159 -10.97 -32.27 13.69
CA LEU B 159 -12.10 -31.50 14.20
C LEU B 159 -12.85 -30.81 13.07
N ILE B 160 -12.14 -30.06 12.23
CA ILE B 160 -12.79 -29.14 11.30
C ILE B 160 -13.18 -29.82 10.00
N ILE B 161 -12.28 -30.62 9.43
CA ILE B 161 -12.53 -31.24 8.12
C ILE B 161 -13.32 -32.52 8.26
N ASP B 162 -12.83 -33.44 9.10
CA ASP B 162 -13.45 -34.76 9.23
C ASP B 162 -14.76 -34.68 10.00
N GLN B 163 -14.79 -33.90 11.08
CA GLN B 163 -15.92 -33.88 11.99
C GLN B 163 -16.82 -32.67 11.81
N ASN B 164 -16.38 -31.67 11.03
CA ASN B 164 -17.17 -30.48 10.72
C ASN B 164 -17.54 -29.72 11.99
N VAL B 165 -16.60 -29.62 12.92
CA VAL B 165 -16.90 -29.00 14.22
C VAL B 165 -17.09 -27.50 14.07
N PHE B 166 -16.41 -26.87 13.12
CA PHE B 166 -16.55 -25.42 12.95
C PHE B 166 -17.98 -25.04 12.59
N ILE B 167 -18.61 -25.81 11.70
CA ILE B 167 -20.00 -25.52 11.37
C ILE B 167 -20.92 -25.92 12.51
N GLU B 168 -20.74 -27.13 13.05
CA GLU B 168 -21.71 -27.66 14.00
C GLU B 168 -21.53 -27.06 15.39
N GLY B 169 -20.32 -26.63 15.74
CA GLY B 169 -20.07 -26.14 17.07
C GLY B 169 -19.57 -24.71 17.14
N THR B 170 -18.53 -24.39 16.37
CA THR B 170 -17.91 -23.08 16.49
C THR B 170 -18.83 -21.97 16.00
N LEU B 171 -19.59 -22.22 14.92
CA LEU B 171 -20.50 -21.21 14.42
C LEU B 171 -21.61 -20.88 15.41
N PRO B 172 -22.31 -21.84 16.03
CA PRO B 172 -23.27 -21.46 17.08
C PRO B 172 -22.65 -20.73 18.25
N MET B 173 -21.46 -21.15 18.72
CA MET B 173 -20.76 -20.41 19.78
C MET B 173 -20.25 -19.05 19.34
N GLY B 174 -20.47 -18.64 18.09
CA GLY B 174 -20.21 -17.29 17.66
C GLY B 174 -21.42 -16.40 17.61
N VAL B 175 -22.59 -16.93 17.95
CA VAL B 175 -23.86 -16.20 17.96
C VAL B 175 -24.47 -16.34 19.36
N VAL B 176 -24.97 -15.24 19.92
CA VAL B 176 -25.58 -15.29 21.25
C VAL B 176 -26.92 -15.99 21.19
N ARG B 177 -27.85 -15.43 20.42
CA ARG B 177 -29.16 -16.05 20.29
C ARG B 177 -29.02 -17.40 19.58
N PRO B 178 -29.98 -18.30 19.79
CA PRO B 178 -29.90 -19.62 19.15
C PRO B 178 -30.28 -19.55 17.68
N LEU B 179 -29.48 -20.22 16.85
CA LEU B 179 -29.80 -20.35 15.44
C LEU B 179 -30.86 -21.44 15.23
N THR B 180 -31.69 -21.27 14.22
CA THR B 180 -32.73 -22.24 13.92
C THR B 180 -32.18 -23.33 13.00
N GLU B 181 -32.97 -24.39 12.82
CA GLU B 181 -32.55 -25.49 11.95
C GLU B 181 -32.42 -25.02 10.50
N VAL B 182 -33.36 -24.19 10.05
CA VAL B 182 -33.29 -23.63 8.70
C VAL B 182 -31.98 -22.87 8.52
N GLU B 183 -31.59 -22.07 9.53
CA GLU B 183 -30.37 -21.29 9.42
C GLU B 183 -29.13 -22.17 9.47
N MET B 184 -29.10 -23.15 10.39
CA MET B 184 -28.03 -24.14 10.39
C MET B 184 -27.92 -24.82 9.04
N ASP B 185 -29.06 -25.18 8.44
CA ASP B 185 -29.02 -25.90 7.17
C ASP B 185 -28.40 -25.06 6.07
N HIS B 186 -28.66 -23.74 6.07
CA HIS B 186 -28.06 -22.85 5.08
C HIS B 186 -26.54 -22.81 5.24
N TYR B 187 -26.05 -22.67 6.47
CA TYR B 187 -24.62 -22.62 6.70
C TYR B 187 -23.95 -23.96 6.40
N ARG B 188 -24.68 -25.06 6.54
CA ARG B 188 -24.13 -26.39 6.28
C ARG B 188 -24.02 -26.69 4.80
N GLU B 189 -24.92 -26.11 4.00
CA GLU B 189 -25.06 -26.50 2.59
C GLU B 189 -23.78 -26.43 1.78
N PRO B 190 -22.90 -25.42 1.92
CA PRO B 190 -21.67 -25.43 1.12
C PRO B 190 -20.64 -26.45 1.54
N PHE B 191 -20.82 -27.13 2.67
CA PHE B 191 -19.76 -27.93 3.25
C PHE B 191 -20.23 -29.34 3.61
N LEU B 192 -21.28 -29.82 2.93
CA LEU B 192 -21.74 -31.19 3.17
C LEU B 192 -20.67 -32.22 2.82
N ASN B 193 -19.84 -31.92 1.83
CA ASN B 193 -18.75 -32.79 1.44
C ASN B 193 -17.48 -32.40 2.21
N PRO B 194 -16.86 -33.34 2.93
CA PRO B 194 -15.75 -32.96 3.83
C PRO B 194 -14.57 -32.28 3.13
N VAL B 195 -14.23 -32.70 1.91
CA VAL B 195 -13.05 -32.13 1.24
C VAL B 195 -13.22 -30.64 1.04
N ASP B 196 -14.43 -30.17 0.83
CA ASP B 196 -14.72 -28.76 0.63
C ASP B 196 -14.57 -27.91 1.89
N ARG B 197 -14.10 -28.46 3.01
CA ARG B 197 -13.99 -27.69 4.25
C ARG B 197 -12.60 -27.10 4.44
N GLU B 198 -11.72 -27.22 3.44
CA GLU B 198 -10.39 -26.62 3.51
C GLU B 198 -10.41 -25.15 3.96
N PRO B 199 -11.24 -24.26 3.41
CA PRO B 199 -11.23 -22.87 3.91
C PRO B 199 -11.58 -22.76 5.38
N LEU B 200 -12.43 -23.65 5.89
CA LEU B 200 -12.84 -23.60 7.29
C LEU B 200 -11.67 -23.84 8.22
N TRP B 201 -10.66 -24.57 7.75
CA TRP B 201 -9.47 -24.89 8.52
C TRP B 201 -8.33 -23.91 8.28
N ARG B 202 -8.15 -23.46 7.04
CA ARG B 202 -7.06 -22.54 6.72
C ARG B 202 -7.27 -21.17 7.35
N PHE B 203 -8.52 -20.69 7.38
CA PHE B 203 -8.76 -19.36 7.94
C PHE B 203 -8.36 -19.23 9.40
N PRO B 204 -8.77 -20.13 10.32
CA PRO B 204 -8.27 -20.00 11.71
C PRO B 204 -6.77 -20.22 11.79
N ASN B 205 -6.19 -20.94 10.84
CA ASN B 205 -4.75 -21.11 10.74
C ASN B 205 -4.05 -19.89 10.17
N GLU B 206 -4.79 -18.93 9.60
CA GLU B 206 -4.21 -17.69 9.13
C GLU B 206 -4.42 -16.54 10.11
N LEU B 207 -5.17 -16.74 11.17
CA LEU B 207 -5.43 -15.70 12.14
C LEU B 207 -4.11 -15.17 12.72
N PRO B 208 -3.89 -13.85 12.72
CA PRO B 208 -2.66 -13.32 13.31
C PRO B 208 -2.71 -13.25 14.83
N ILE B 209 -2.26 -14.33 15.48
CA ILE B 209 -2.28 -14.47 16.92
C ILE B 209 -0.88 -14.88 17.40
N ALA B 210 -0.33 -14.13 18.35
CA ALA B 210 0.97 -14.42 18.94
C ALA B 210 2.05 -14.53 17.87
N GLY B 211 2.04 -13.60 16.92
CA GLY B 211 3.08 -13.50 15.91
C GLY B 211 3.01 -14.50 14.78
N GLU B 212 2.07 -15.45 14.79
CA GLU B 212 2.04 -16.45 13.74
C GLU B 212 0.68 -16.45 13.04
N PRO B 213 0.64 -16.56 11.70
CA PRO B 213 1.80 -16.58 10.81
C PRO B 213 2.39 -15.20 10.62
N ALA B 214 3.73 -15.12 10.59
CA ALA B 214 4.41 -13.83 10.56
C ALA B 214 3.97 -12.97 9.38
N ASN B 215 3.62 -13.57 8.25
CA ASN B 215 3.31 -12.76 7.07
C ASN B 215 1.91 -12.16 7.16
N ILE B 216 0.93 -12.91 7.68
CA ILE B 216 -0.40 -12.31 7.85
C ILE B 216 -0.33 -11.17 8.87
N VAL B 217 0.44 -11.36 9.94
CA VAL B 217 0.61 -10.30 10.95
C VAL B 217 1.08 -9.02 10.28
N ALA B 218 2.12 -9.13 9.45
CA ALA B 218 2.68 -7.94 8.79
C ALA B 218 1.65 -7.28 7.89
N LEU B 219 0.98 -8.07 7.04
CA LEU B 219 -0.03 -7.50 6.16
C LEU B 219 -1.16 -6.83 6.95
N VAL B 220 -1.57 -7.45 8.06
CA VAL B 220 -2.67 -6.90 8.84
C VAL B 220 -2.21 -5.66 9.59
N GLU B 221 -1.03 -5.72 10.22
CA GLU B 221 -0.45 -4.50 10.79
C GLU B 221 -0.27 -3.42 9.75
N GLU B 222 -0.19 -3.78 8.48
CA GLU B 222 -0.07 -2.79 7.42
C GLU B 222 -1.36 -2.00 7.25
N TYR B 223 -2.50 -2.70 7.10
CA TYR B 223 -3.74 -1.97 6.90
C TYR B 223 -4.29 -1.35 8.18
N MET B 224 -3.88 -1.85 9.35
CA MET B 224 -4.24 -1.15 10.58
C MET B 224 -3.48 0.16 10.70
N ASP B 225 -2.20 0.17 10.30
CA ASP B 225 -1.43 1.40 10.30
C ASP B 225 -2.07 2.44 9.38
N TRP B 226 -2.55 2.00 8.21
CA TRP B 226 -3.30 2.88 7.33
C TRP B 226 -4.59 3.35 7.98
N LEU B 227 -5.31 2.43 8.63
CA LEU B 227 -6.58 2.77 9.27
C LEU B 227 -6.42 3.85 10.32
N HIS B 228 -5.29 3.87 11.03
CA HIS B 228 -5.09 4.87 12.08
C HIS B 228 -4.74 6.24 11.51
N GLN B 229 -4.49 6.34 10.21
CA GLN B 229 -4.07 7.57 9.54
C GLN B 229 -5.11 8.09 8.57
N SER B 230 -5.74 7.20 7.81
CA SER B 230 -6.57 7.60 6.69
C SER B 230 -7.82 8.34 7.17
N PRO B 231 -8.24 9.40 6.48
CA PRO B 231 -9.48 10.09 6.84
C PRO B 231 -10.74 9.44 6.30
N VAL B 232 -10.66 8.21 5.83
CA VAL B 232 -11.83 7.54 5.22
C VAL B 232 -12.93 7.37 6.27
N PRO B 233 -14.19 7.64 5.93
CA PRO B 233 -15.27 7.49 6.93
C PRO B 233 -15.40 6.05 7.41
N LYS B 234 -15.50 5.88 8.73
CA LYS B 234 -15.46 4.56 9.35
C LYS B 234 -16.65 4.38 10.29
N LEU B 235 -17.26 3.20 10.23
CA LEU B 235 -18.40 2.85 11.06
C LEU B 235 -18.13 1.50 11.71
N LEU B 236 -17.95 1.49 13.02
CA LEU B 236 -17.56 0.29 13.76
C LEU B 236 -18.75 -0.23 14.58
N PHE B 237 -19.09 -1.49 14.38
CA PHE B 237 -20.10 -2.16 15.19
C PHE B 237 -19.39 -3.12 16.14
N TRP B 238 -19.85 -3.15 17.39
CA TRP B 238 -19.21 -3.97 18.40
C TRP B 238 -20.27 -4.48 19.37
N GLY B 239 -19.94 -5.58 20.03
CA GLY B 239 -20.86 -6.23 20.95
C GLY B 239 -20.11 -6.77 22.15
N THR B 240 -20.88 -7.25 23.13
CA THR B 240 -20.32 -7.76 24.36
C THR B 240 -20.70 -9.22 24.52
N PRO B 241 -19.74 -10.12 24.77
CA PRO B 241 -18.32 -9.83 24.98
C PRO B 241 -17.48 -9.71 23.71
N GLY B 242 -18.04 -10.06 22.55
CA GLY B 242 -17.26 -10.09 21.32
C GLY B 242 -16.22 -11.20 21.37
N VAL B 243 -15.51 -11.36 20.25
CA VAL B 243 -14.48 -12.38 20.14
C VAL B 243 -13.19 -11.73 19.63
N LEU B 244 -13.19 -11.37 18.36
CA LEU B 244 -12.04 -10.65 17.80
C LEU B 244 -11.91 -9.27 18.41
N ILE B 245 -13.02 -8.57 18.60
CA ILE B 245 -13.04 -7.21 19.11
C ILE B 245 -13.79 -7.21 20.44
N PRO B 246 -13.10 -7.22 21.57
CA PRO B 246 -13.77 -7.08 22.86
C PRO B 246 -14.12 -5.63 23.14
N PRO B 247 -15.07 -5.37 24.04
CA PRO B 247 -15.51 -3.99 24.28
C PRO B 247 -14.39 -3.00 24.55
N ALA B 248 -13.33 -3.42 25.23
CA ALA B 248 -12.25 -2.49 25.54
C ALA B 248 -11.48 -2.12 24.28
N GLU B 249 -11.20 -3.10 23.42
CA GLU B 249 -10.54 -2.81 22.16
C GLU B 249 -11.38 -1.86 21.30
N ALA B 250 -12.68 -2.12 21.21
CA ALA B 250 -13.56 -1.23 20.44
C ALA B 250 -13.50 0.20 20.96
N ALA B 251 -13.45 0.37 22.30
CA ALA B 251 -13.36 1.70 22.88
C ALA B 251 -12.06 2.40 22.47
N ARG B 252 -10.95 1.67 22.47
CA ARG B 252 -9.70 2.27 22.03
C ARG B 252 -9.72 2.55 20.53
N LEU B 253 -10.31 1.66 19.74
CA LEU B 253 -10.43 1.91 18.31
C LEU B 253 -11.30 3.13 18.02
N ALA B 254 -12.41 3.27 18.76
CA ALA B 254 -13.29 4.41 18.55
C ALA B 254 -12.60 5.72 18.89
N LYS B 255 -11.63 5.69 19.81
CA LYS B 255 -10.91 6.90 20.17
C LYS B 255 -9.74 7.17 19.22
N SER B 256 -9.18 6.13 18.61
CA SER B 256 -7.94 6.28 17.85
C SER B 256 -8.14 6.36 16.35
N LEU B 257 -9.17 5.72 15.79
CA LEU B 257 -9.36 5.73 14.33
C LEU B 257 -10.02 7.03 13.90
N PRO B 258 -9.45 7.74 12.93
CA PRO B 258 -10.06 8.99 12.47
C PRO B 258 -11.38 8.73 11.75
N ASN B 259 -12.30 9.67 11.87
CA ASN B 259 -13.56 9.65 11.14
C ASN B 259 -14.37 8.39 11.46
N CYS B 260 -14.30 7.95 12.71
CA CYS B 260 -14.87 6.67 13.12
C CYS B 260 -16.04 6.88 14.07
N LYS B 261 -17.17 6.26 13.73
CA LYS B 261 -18.34 6.19 14.59
C LYS B 261 -18.51 4.76 15.06
N ALA B 262 -18.66 4.56 16.36
CA ALA B 262 -18.83 3.25 16.96
C ALA B 262 -20.26 3.08 17.46
N VAL B 263 -20.82 1.89 17.25
CA VAL B 263 -22.21 1.59 17.57
C VAL B 263 -22.26 0.28 18.35
N ASP B 264 -22.68 0.36 19.61
CA ASP B 264 -22.92 -0.82 20.42
C ASP B 264 -24.17 -1.54 19.93
N ILE B 265 -24.04 -2.82 19.59
CA ILE B 265 -25.19 -3.60 19.11
C ILE B 265 -25.85 -4.42 20.21
N GLY B 266 -25.29 -4.40 21.43
CA GLY B 266 -25.83 -5.19 22.51
C GLY B 266 -25.02 -6.44 22.74
N PRO B 267 -25.69 -7.53 23.09
CA PRO B 267 -24.99 -8.83 23.18
C PRO B 267 -24.53 -9.27 21.80
N GLY B 268 -23.29 -9.74 21.75
CA GLY B 268 -22.74 -10.24 20.51
C GLY B 268 -21.46 -11.00 20.76
N LEU B 269 -21.18 -11.98 19.88
CA LEU B 269 -19.93 -12.70 19.91
C LEU B 269 -19.17 -12.39 18.64
N ASN B 270 -19.24 -13.22 17.59
CA ASN B 270 -18.57 -12.91 16.33
C ASN B 270 -19.52 -12.52 15.21
N LEU B 271 -20.58 -13.30 14.99
CA LEU B 271 -21.53 -13.00 13.94
C LEU B 271 -22.52 -11.96 14.46
N LEU B 272 -22.06 -10.71 14.51
CA LEU B 272 -22.89 -9.63 15.00
C LEU B 272 -24.16 -9.49 14.17
N GLN B 273 -24.08 -9.81 12.89
CA GLN B 273 -25.23 -9.76 12.00
C GLN B 273 -26.40 -10.58 12.55
N GLU B 274 -26.10 -11.72 13.18
CA GLU B 274 -27.16 -12.62 13.62
C GLU B 274 -27.74 -12.22 14.97
N ASP B 275 -27.07 -11.36 15.73
CA ASP B 275 -27.59 -10.95 17.04
C ASP B 275 -28.40 -9.66 16.99
N ASN B 276 -28.05 -8.70 16.13
CA ASN B 276 -28.83 -7.47 15.99
C ASN B 276 -28.76 -6.99 14.54
N PRO B 277 -29.40 -7.71 13.62
CA PRO B 277 -29.36 -7.28 12.22
C PRO B 277 -30.13 -5.98 11.97
N ASP B 278 -31.22 -5.75 12.71
CA ASP B 278 -32.03 -4.55 12.49
C ASP B 278 -31.25 -3.28 12.82
N LEU B 279 -30.46 -3.31 13.89
CA LEU B 279 -29.69 -2.11 14.23
C LEU B 279 -28.52 -1.93 13.27
N ILE B 280 -27.87 -3.03 12.87
CA ILE B 280 -26.71 -2.93 11.99
C ILE B 280 -27.13 -2.36 10.64
N GLY B 281 -28.23 -2.86 10.07
CA GLY B 281 -28.69 -2.44 8.77
C GLY B 281 -29.29 -1.05 8.74
N SER B 282 -30.10 -0.71 9.75
CA SER B 282 -30.67 0.64 9.82
C SER B 282 -29.59 1.70 10.02
N GLU B 283 -28.52 1.36 10.74
CA GLU B 283 -27.48 2.35 11.02
C GLU B 283 -26.56 2.53 9.83
N ILE B 284 -26.31 1.47 9.05
CA ILE B 284 -25.54 1.63 7.82
C ILE B 284 -26.28 2.52 6.84
N ALA B 285 -27.59 2.30 6.69
CA ALA B 285 -28.40 3.17 5.83
C ALA B 285 -28.30 4.62 6.26
N ARG B 286 -28.47 4.88 7.56
CA ARG B 286 -28.36 6.26 8.06
C ARG B 286 -26.97 6.83 7.83
N TRP B 287 -25.94 6.04 8.12
CA TRP B 287 -24.57 6.50 7.94
C TRP B 287 -24.24 6.72 6.47
N LEU B 288 -24.84 5.93 5.58
CA LEU B 288 -24.63 6.07 4.14
C LEU B 288 -25.06 7.44 3.63
N SER B 289 -26.11 8.03 4.20
CA SER B 289 -26.55 9.35 3.75
C SER B 289 -25.61 10.46 4.18
N THR B 290 -24.69 10.20 5.11
CA THR B 290 -23.74 11.20 5.56
C THR B 290 -22.50 11.25 4.70
N LEU B 291 -22.39 10.37 3.71
CA LEU B 291 -21.21 10.26 2.87
C LEU B 291 -21.44 10.95 1.53
N GLU B 292 -20.38 11.56 1.00
CA GLU B 292 -20.43 12.19 -0.32
C GLU B 292 -20.32 11.10 -1.37
N ILE B 293 -21.46 10.47 -1.66
CA ILE B 293 -21.47 9.28 -2.49
C ILE B 293 -22.56 9.34 -3.57
N1 IYE C . 8.05 11.13 -6.73
C7 IYE C . 6.74 9.53 -5.38
C8 IYE C . 7.25 9.89 -6.76
N2 IYE C . -4.23 12.45 6.59
C9 IYE C . 6.84 12.39 -8.82
O1 IYE C . 1.16 7.72 -4.58
C1 IYE C . -0.98 8.55 -3.90
O5 IYE C . -6.03 7.55 3.20
C5 IYE C . 4.59 8.27 -5.80
C6 IYE C . 6.03 8.19 -5.35
N3 IYE C . -0.03 4.11 4.94
C4 IYE C . 2.68 6.91 -6.22
O4 IYE C . 8.54 13.49 -7.22
C3 IYE C . 1.73 6.55 -5.14
O3 IYE C . 6.31 12.84 -6.33
C2 IYE C . 0.05 7.46 -3.73
N IYE C . -2.05 8.45 -2.92
C IYE C . -1.84 8.79 -1.64
O IYE C . -0.75 9.20 -1.24
C10 IYE C . -2.99 8.65 -0.71
C11 IYE C . -4.32 8.64 -1.12
C12 IYE C . -5.34 8.43 -0.20
C13 IYE C . -5.06 8.24 1.15
C14 IYE C . -6.24 8.01 2.06
C15 IYE C . -3.72 8.31 1.59
C16 IYE C . -3.32 8.27 3.02
C17 IYE C . -3.56 9.34 3.88
C18 IYE C . -4.38 10.41 3.56
C19 IYE C . -4.60 11.44 4.45
C20 IYE C . -4.00 11.45 5.71
C21 IYE C . -5.14 13.54 6.26
C22 IYE C . -3.32 12.69 7.70
C23 IYE C . -3.17 10.38 6.03
C24 IYE C . -2.97 9.34 5.14
C25 IYE C . -2.50 7.15 3.47
C26 IYE C . -2.22 6.02 2.71
C27 IYE C . -1.41 5.02 3.19
C28 IYE C . -1.94 7.22 4.75
C29 IYE C . -1.13 6.22 5.24
C30 IYE C . -0.85 5.09 4.48
C31 IYE C . 0.30 2.96 4.11
C32 IYE C . 0.73 4.31 6.16
C33 IYE C . -2.71 8.51 0.64
F IYE C . 6.48 13.58 -9.29
F1 IYE C . 5.78 11.59 -8.85
F2 IYE C . 7.76 11.91 -9.62
O2 IYE C . 4.01 6.98 -5.71
O6 IYE C . -7.39 8.15 1.57
O7 IYE C . -2.15 8.30 5.58
S IYE C . 7.47 12.55 -7.12
N1 IYE D . -13.98 -16.60 12.89
C7 IYE D . -15.78 -17.63 14.23
C8 IYE D . -14.53 -16.77 14.23
N2 IYE D . -18.19 -33.68 17.28
C9 IYE D . -11.31 -16.28 13.47
O1 IYE D . -15.20 -20.70 19.11
C1 IYE D . -14.56 -22.86 19.88
O5 IYE D . -18.53 -30.26 22.43
C5 IYE D . -15.40 -18.21 16.66
C6 IYE D . -16.39 -17.78 15.62
N3 IYE D . -23.99 -26.57 19.65
C4 IYE D . -15.18 -18.32 19.03
O4 IYE D . -12.27 -16.72 11.11
C3 IYE D . -15.98 -19.54 19.34
O3 IYE D . -12.42 -18.52 12.81
C2 IYE D . -15.67 -21.84 19.79
N IYE D . -15.01 -24.12 20.47
C IYE D . -15.76 -24.98 19.78
O IYE D . -16.15 -24.74 18.64
C10 IYE D . -16.13 -26.25 20.47
C11 IYE D . -15.40 -26.78 21.53
C12 IYE D . -15.82 -27.94 22.17
C13 IYE D . -16.98 -28.59 21.76
C14 IYE D . -17.38 -29.79 22.58
C15 IYE D . -17.70 -28.10 20.65
C16 IYE D . -18.82 -28.84 20.00
C17 IYE D . -18.63 -30.06 19.34
C18 IYE D . -17.41 -30.72 19.31
C19 IYE D . -17.25 -31.92 18.62
C20 IYE D . -18.33 -32.49 17.95
C21 IYE D . -16.92 -34.39 17.29
C22 IYE D . -19.10 -34.02 16.19
C23 IYE D . -19.56 -31.84 17.98
C24 IYE D . -19.71 -30.65 18.67
C25 IYE D . -20.15 -28.22 19.97
C26 IYE D . -20.46 -26.99 20.56
C27 IYE D . -21.72 -26.45 20.46
C28 IYE D . -21.17 -28.88 19.28
C29 IYE D . -22.44 -28.35 19.17
C30 IYE D . -22.74 -27.11 19.76
C31 IYE D . -24.28 -25.28 20.25
C32 IYE D . -24.86 -26.95 18.55
C33 IYE D . -17.27 -26.92 20.03
F IYE D . -10.11 -16.78 13.25
F1 IYE D . -11.60 -16.41 14.75
F2 IYE D . -11.27 -14.99 13.18
O2 IYE D . -15.74 -17.64 17.92
O6 IYE D . -16.57 -30.17 23.46
O7 IYE D . -20.96 -30.07 18.64
S IYE D . -12.56 -17.14 12.44
#